data_1DSI
#
_entry.id   1DSI
#
_cell.length_a   1.000
_cell.length_b   1.000
_cell.length_c   1.000
_cell.angle_alpha   90.00
_cell.angle_beta   90.00
_cell.angle_gamma   90.00
#
_symmetry.space_group_name_H-M   'P 1'
#
loop_
_entity.id
_entity.type
_entity.pdbx_description
1 polymer "DNA (5'-D(*GP*AP*CP*TP*AP*AP*TP*TP*GP*AP*C)-3')"
2 polymer "DNA (5'-D(*GP*TP*CP*AP*AP*TP*TP*AP*GP*TP*C)-3')"
3 non-polymer '4-HYDROXY-6-(1H-INDOLE-2-CARBONYL)-8-METHYL-3,6,7,8-TETRAHYDRO-3,6-DIAZA-AS-INDACENE-2-CARBOXYLIC ACID METHYL ESTER'
#
loop_
_entity_poly.entity_id
_entity_poly.type
_entity_poly.pdbx_seq_one_letter_code
_entity_poly.pdbx_strand_id
1 'polydeoxyribonucleotide' (DG)(DA)(DC)(DT)(DA)(DA)(DT)(DT)(DG)(DA)(DC) A
2 'polydeoxyribonucleotide' (DG)(DT)(DC)(DA)(DA)(DT)(DT)(DA)(DG)(DT)(DC) B
#
loop_
_chem_comp.id
_chem_comp.type
_chem_comp.name
_chem_comp.formula
DA DNA linking 2'-DEOXYADENOSINE-5'-MONOPHOSPHATE 'C10 H14 N5 O6 P'
DC DNA linking 2'-DEOXYCYTIDINE-5'-MONOPHOSPHATE 'C9 H14 N3 O7 P'
DG DNA linking 2'-DEOXYGUANOSINE-5'-MONOPHOSPHATE 'C10 H14 N5 O7 P'
DSI non-polymer '4-HYDROXY-6-(1H-INDOLE-2-CARBONYL)-8-METHYL-3,6,7,8-TETRAHYDRO-3,6-DIAZA-AS-INDACENE-2-CARBOXYLIC ACID METHYL ESTER' 'C22 H19 N3 O4'
DT DNA linking THYMIDINE-5'-MONOPHOSPHATE 'C10 H15 N2 O8 P'
#
# COMPACT_ATOMS: atom_id res chain seq x y z
C20 DSI C . 3.70 -3.75 0.04
C21 DSI C . 2.88 -4.90 -0.07
C22 DSI C . 3.42 -6.19 -0.17
C23 DSI C . 4.81 -6.36 -0.15
C25 DSI C . 5.10 -3.95 0.04
C24 DSI C . 5.64 -5.23 -0.03
C18 DSI C . 1.52 -3.06 0.08
C19 DSI C . 2.84 -2.58 0.15
N17 DSI C . 1.57 -4.44 -0.04
C16 DSI C . 0.23 -2.34 0.14
O16 DSI C . -0.80 -3.00 0.28
C6 DSI C . -3.10 0.67 1.18
C7 DSI C . -2.19 -0.38 0.99
O6 DSI C . -4.30 0.49 1.80
C8 DSI C . -0.98 -0.13 0.31
N12 DSI C . 0.11 -0.95 0.04
C11 DSI C . 1.20 -0.09 -0.48
C10 DSI C . 0.60 1.23 -0.94
C13 DSI C . 0.20 1.22 -2.43
C9 DSI C . -0.68 1.11 -0.21
C5 DSI C . -2.78 1.95 0.67
C4 DSI C . -1.56 2.15 -0.02
C3 DSI C . -1.52 3.56 -0.43
C2 DSI C . -2.70 4.14 0.03
N1 DSI C . -3.45 3.16 0.69
C14 DSI C . -3.13 5.52 -0.13
O15 DSI C . -4.30 5.83 0.54
O14 DSI C . -2.53 6.38 -0.78
C15 DSI C . -4.64 7.21 0.67
H22 DSI C . 2.77 -7.05 -0.25
H23 DSI C . 5.24 -7.35 -0.21
H25 DSI C . 5.75 -3.09 0.10
H24 DSI C . 6.71 -5.36 -0.02
H19 DSI C . 3.13 -1.56 0.29
H17 DSI C . 0.73 -4.99 -0.09
H7 DSI C . -2.41 -1.36 1.40
H6 DSI C . -4.88 1.25 1.76
H111 DSI C . 1.74 -0.56 -1.31
H112 DSI C . 1.88 0.15 0.34
H10 DSI C . 1.18 2.09 -0.65
H131 DSI C . -0.16 0.22 -2.64
H132 DSI C . -0.63 1.90 -2.58
H3 DSI C . -0.76 4.11 -0.97
H1 DSI C . -4.35 3.38 1.09
H151 DSI C . -5.58 7.28 1.22
H152 DSI C . -4.77 7.67 -0.31
H153 DSI C . -3.86 7.72 1.23
C20 DSI C . 3.85 -3.78 0.04
C21 DSI C . 3.03 -4.94 -0.06
C22 DSI C . 3.57 -6.22 -0.20
C23 DSI C . 4.97 -6.38 -0.24
C25 DSI C . 5.25 -3.97 -0.03
C24 DSI C . 5.80 -5.26 -0.15
C18 DSI C . 1.67 -3.10 0.15
C19 DSI C . 2.99 -2.62 0.20
N17 DSI C . 1.72 -4.48 0.03
C16 DSI C . 0.39 -2.39 0.27
O16 DSI C . -0.64 -3.04 0.48
C6 DSI C . -2.89 0.65 1.38
C7 DSI C . -1.99 -0.41 1.19
O6 DSI C . -4.03 0.51 2.13
C8 DSI C . -0.81 -0.17 0.45
N12 DSI C . 0.26 -1.00 0.15
C11 DSI C . 1.34 -0.15 -0.45
C10 DSI C . 0.71 1.16 -0.91
C13 DSI C . 0.26 1.13 -2.38
C9 DSI C . -0.55 1.05 -0.12
C5 DSI C . -2.61 1.91 0.82
C4 DSI C . -1.43 2.10 0.06
C3 DSI C . -1.41 3.49 -0.39
C2 DSI C . -2.59 4.07 0.10
N1 DSI C . -3.29 3.12 0.81
C14 DSI C . -3.04 5.45 -0.10
O15 DSI C . -4.19 5.77 0.59
O14 DSI C . -2.48 6.28 -0.82
C15 DSI C . -4.54 7.14 0.67
H22 DSI C . 2.92 -7.08 -0.27
H23 DSI C . 5.39 -7.37 -0.36
H25 DSI C . 5.90 -3.11 0.01
H24 DSI C . 6.87 -5.39 -0.19
H19 DSI C . 3.29 -1.60 0.34
H17 DSI C . 0.88 -5.04 0.01
H7 DSI C . -2.19 -1.37 1.63
H6 DSI C . -4.12 -0.37 2.50
H111 DSI C . 1.83 -0.64 -1.28
H112 DSI C . 2.04 0.11 0.34
H10 DSI C . 1.30 2.03 -0.65
H131 DSI C . -0.11 0.13 -2.55
H132 DSI C . -0.58 1.81 -2.51
H3 DSI C . -0.69 4.02 -0.98
H1 DSI C . -4.18 3.31 1.25
H151 DSI C . -3.74 7.70 1.18
H152 DSI C . -4.72 7.56 -0.31
H153 DSI C . -5.45 7.24 1.26
C20 DSI C . 3.87 -3.60 0.06
C21 DSI C . 3.07 -4.77 0.00
C22 DSI C . 3.65 -6.05 -0.12
C23 DSI C . 5.05 -6.17 -0.18
C25 DSI C . 5.26 -3.75 -0.02
C24 DSI C . 5.86 -5.02 -0.12
C18 DSI C . 1.67 -2.98 0.18
C19 DSI C . 2.97 -2.46 0.20
N17 DSI C . 1.76 -4.36 0.10
C16 DSI C . 0.37 -2.31 0.28
O16 DSI C . -0.64 -3.00 0.46
C6 DSI C . -3.09 0.53 1.32
C7 DSI C . -2.11 -0.46 1.16
O6 DSI C . -4.24 0.32 2.03
C8 DSI C . -0.94 -0.16 0.44
N12 DSI C . 0.19 -0.92 0.17
C11 DSI C . 1.22 -0.02 -0.41
C10 DSI C . 0.54 1.27 -0.87
C13 DSI C . 0.13 1.23 -2.35
C9 DSI C . -0.72 1.09 -0.12
C5 DSI C . -2.87 1.81 0.77
C4 DSI C . -1.68 2.08 0.05
C3 DSI C . -1.76 3.47 -0.39
C2 DSI C . -3.00 3.96 0.05
N1 DSI C . -3.65 2.95 0.74
C14 DSI C . -3.55 5.29 -0.14
O15 DSI C . -2.77 6.20 -0.85
O14 DSI C . -4.66 5.64 0.30
C15 DSI C . -3.23 7.54 -0.90
H22 DSI C . 3.03 -6.93 -0.17
H23 DSI C . 5.50 -7.14 -0.28
H25 DSI C . 5.90 -2.87 -0.01
H24 DSI C . 6.92 -5.11 -0.17
H19 DSI C . 3.24 -1.42 0.30
H17 DSI C . 0.93 -4.94 0.09
H7 DSI C . -2.26 -1.43 1.60
H6 DSI C . -4.29 -0.58 2.39
H111 DSI C . 1.75 -0.48 -1.25
H112 DSI C . 1.92 0.25 0.38
H10 DSI C . 1.10 2.16 -0.59
H131 DSI C . -0.20 0.22 -2.54
H132 DSI C . -0.71 1.89 -2.51
H3 DSI C . -1.05 4.07 -0.95
H1 DSI C . -4.56 3.06 1.14
H151 DSI C . -4.18 7.60 -1.43
H152 DSI C . -3.35 7.95 0.10
H153 DSI C . -2.49 8.14 -1.44
C20 DSI C . 3.71 -3.72 0.04
C21 DSI C . 2.88 -4.88 -0.07
C22 DSI C . 3.41 -6.16 -0.22
C23 DSI C . 4.81 -6.34 -0.26
C25 DSI C . 5.11 -3.92 -0.03
C24 DSI C . 5.65 -5.21 -0.16
C18 DSI C . 1.53 -3.03 0.13
C19 DSI C . 2.86 -2.56 0.19
N17 DSI C . 1.58 -4.41 0.02
C16 DSI C . 0.26 -2.32 0.23
O16 DSI C . -0.77 -2.97 0.41
C6 DSI C . -3.05 0.72 1.29
C7 DSI C . -2.14 -0.33 1.11
O6 DSI C . -4.24 0.53 1.94
C8 DSI C . -0.94 -0.10 0.39
N12 DSI C . 0.13 -0.92 0.11
C11 DSI C . 1.22 -0.08 -0.46
C10 DSI C . 0.60 1.23 -0.93
C13 DSI C . 0.18 1.19 -2.41
C9 DSI C . -0.67 1.13 -0.17
C5 DSI C . -2.76 1.98 0.74
C4 DSI C . -1.55 2.18 0.00
C3 DSI C . -1.53 3.56 -0.44
C2 DSI C . -2.71 4.14 0.04
N1 DSI C . -3.44 3.19 0.74
C14 DSI C . -3.16 5.52 -0.14
O15 DSI C . -4.33 5.83 0.54
O14 DSI C . -2.58 6.37 -0.83
C15 DSI C . -4.67 7.20 0.65
H22 DSI C . 2.77 -7.02 -0.30
H23 DSI C . 5.23 -7.32 -0.37
H25 DSI C . 5.77 -3.07 0.02
H24 DSI C . 6.72 -5.34 -0.19
H19 DSI C . 3.15 -1.54 0.32
H17 DSI C . 0.74 -4.96 -0.02
H7 DSI C . -2.35 -1.30 1.55
H6 DSI C . -4.83 1.29 1.87
H111 DSI C . 1.74 -0.56 -1.28
H112 DSI C . 1.91 0.18 0.34
H10 DSI C . 1.19 2.10 -0.66
H131 DSI C . -0.17 0.18 -2.60
H132 DSI C . -0.66 1.86 -2.57
H3 DSI C . -0.80 4.10 -1.00
H1 DSI C . -4.32 3.41 1.16
H151 DSI C . -4.83 7.64 -0.35
H152 DSI C . -5.60 7.29 1.21
H153 DSI C . -3.89 7.75 1.16
C20 DSI C . 3.74 -3.75 0.02
C21 DSI C . 2.92 -4.91 -0.07
C22 DSI C . 3.46 -6.20 -0.15
C23 DSI C . 4.84 -6.36 -0.13
C25 DSI C . 5.14 -3.95 0.00
C24 DSI C . 5.68 -5.24 -0.05
C18 DSI C . 1.56 -3.06 0.06
C19 DSI C . 2.88 -2.58 0.12
N17 DSI C . 1.61 -4.44 -0.03
C16 DSI C . 0.27 -2.35 0.14
O16 DSI C . -0.75 -3.01 0.29
C6 DSI C . -3.03 0.66 1.25
C7 DSI C . -2.13 -0.40 1.04
O6 DSI C . -4.19 0.50 1.97
C8 DSI C . -0.94 -0.14 0.32
N12 DSI C . 0.15 -0.96 0.03
C11 DSI C . 1.23 -0.10 -0.53
C10 DSI C . 0.61 1.22 -0.97
C13 DSI C . 0.18 1.22 -2.45
C9 DSI C . -0.66 1.10 -0.21
C5 DSI C . -2.75 1.93 0.71
C4 DSI C . -1.55 2.14 -0.02
C3 DSI C . -1.54 3.54 -0.43
C2 DSI C . -2.73 4.09 0.04
N1 DSI C . -3.44 3.12 0.73
C14 DSI C . -3.18 5.48 -0.12
O15 DSI C . -4.36 5.77 0.54
O14 DSI C . -2.61 6.34 -0.79
C15 DSI C . -4.71 7.14 0.67
H22 DSI C . 2.80 -7.06 -0.21
H23 DSI C . 5.28 -7.36 -0.18
H25 DSI C . 5.79 -3.09 0.05
H24 DSI C . 6.75 -5.37 -0.03
H19 DSI C . 3.17 -1.56 0.23
H17 DSI C . 0.77 -4.99 -0.06
H7 DSI C . -2.33 -1.37 1.47
H6 DSI C . -4.29 -0.41 2.30
H111 DSI C . 1.75 -0.57 -1.36
H112 DSI C . 1.92 0.15 0.27
H10 DSI C . 1.19 2.09 -0.69
H131 DSI C . -0.18 0.22 -2.66
H132 DSI C . -0.64 1.91 -2.59
H3 DSI C . -0.81 4.10 -1.00
H1 DSI C . -4.33 3.31 1.15
H151 DSI C . -4.86 7.60 -0.31
H152 DSI C . -5.65 7.21 1.23
H153 DSI C . -3.94 7.67 1.22
C20 DSI C . 3.71 -3.77 0.06
C21 DSI C . 2.88 -4.93 -0.02
C22 DSI C . 3.41 -6.22 -0.09
C23 DSI C . 4.81 -6.40 -0.06
C25 DSI C . 5.10 -3.97 0.05
C24 DSI C . 5.65 -5.27 0.02
C18 DSI C . 1.54 -3.08 0.09
C19 DSI C . 2.86 -2.60 0.14
N17 DSI C . 1.58 -4.46 0.01
C16 DSI C . 0.25 -2.35 0.15
O16 DSI C . -0.78 -3.01 0.31
C6 DSI C . -3.05 0.68 1.23
C7 DSI C . -2.15 -0.39 1.02
O6 DSI C . -4.19 0.53 1.94
C8 DSI C . -0.96 -0.15 0.30
N12 DSI C . 0.12 -0.97 0.03
C11 DSI C . 1.21 -0.11 -0.54
C10 DSI C . 0.59 1.21 -1.00
C13 DSI C . 0.18 1.20 -2.47
C9 DSI C . -0.67 1.09 -0.23
C5 DSI C . -2.76 1.94 0.69
C4 DSI C . -1.55 2.14 -0.05
C3 DSI C . -1.53 3.53 -0.48
C2 DSI C . -2.71 4.11 0.01
N1 DSI C . -3.43 3.14 0.70
C14 DSI C . -3.15 5.49 -0.17
O15 DSI C . -4.31 5.81 0.51
O14 DSI C . -2.57 6.34 -0.85
C15 DSI C . -4.65 7.18 0.64
H22 DSI C . 2.76 -7.08 -0.15
H23 DSI C . 5.23 -7.39 -0.10
H25 DSI C . 5.77 -3.12 0.08
H24 DSI C . 6.72 -5.41 0.03
H19 DSI C . 3.15 -1.57 0.24
H17 DSI C . 0.74 -5.00 -0.02
H7 DSI C . -2.35 -1.35 1.46
H6 DSI C . -4.31 -0.37 2.29
H111 DSI C . 1.72 -0.60 -1.37
H112 DSI C . 1.91 0.13 0.25
H10 DSI C . 1.19 2.07 -0.71
H131 DSI C . -0.19 0.21 -2.69
H132 DSI C . -0.64 1.89 -2.61
H3 DSI C . -0.79 4.08 -1.04
H1 DSI C . -4.32 3.34 1.13
H151 DSI C . -5.57 7.26 1.20
H152 DSI C . -4.80 7.64 -0.35
H153 DSI C . -3.86 7.71 1.17
C20 DSI C . 3.78 -3.70 0.00
C21 DSI C . 2.98 -4.88 -0.10
C22 DSI C . 3.54 -6.15 -0.23
C23 DSI C . 4.94 -6.29 -0.28
C25 DSI C . 5.18 -3.88 -0.06
C24 DSI C . 5.75 -5.15 -0.18
C18 DSI C . 1.60 -3.06 0.11
C19 DSI C . 2.90 -2.55 0.16
N17 DSI C . 1.66 -4.44 -0.01
C16 DSI C . 0.30 -2.37 0.21
O16 DSI C . -0.71 -3.04 0.38
C6 DSI C . -3.05 0.57 1.34
C7 DSI C . -2.13 -0.46 1.13
O6 DSI C . -4.19 0.39 2.08
C8 DSI C . -0.95 -0.18 0.40
N12 DSI C . 0.14 -0.97 0.10
C11 DSI C . 1.21 -0.10 -0.46
C10 DSI C . 0.56 1.22 -0.90
C13 DSI C . 0.13 1.19 -2.38
C9 DSI C . -0.69 1.06 -0.13
C5 DSI C . -2.80 1.85 0.81
C4 DSI C . -1.61 2.09 0.07
C3 DSI C . -1.63 3.49 -0.34
C2 DSI C . -2.83 4.02 0.15
N1 DSI C . -3.52 3.03 0.83
C14 DSI C . -3.32 5.39 0.01
O15 DSI C . -2.51 6.27 -0.71
O14 DSI C . -4.39 5.79 0.48
C15 DSI C . -2.92 7.62 -0.80
H22 DSI C . 2.90 -7.02 -0.31
H23 DSI C . 5.38 -7.27 -0.39
H25 DSI C . 5.83 -3.01 -0.01
H24 DSI C . 6.83 -5.25 -0.22
H19 DSI C . 3.18 -1.52 0.29
H17 DSI C . 0.83 -5.00 -0.03
H7 DSI C . -2.31 -1.44 1.55
H6 DSI C . -4.27 -0.51 2.41
H111 DSI C . 1.73 -0.55 -1.30
H112 DSI C . 1.91 0.16 0.34
H10 DSI C . 1.13 2.09 -0.63
H131 DSI C . -0.24 0.19 -2.57
H132 DSI C . -0.70 1.88 -2.52
H3 DSI C . -0.91 4.07 -0.90
H1 DSI C . -4.42 3.19 1.26
H151 DSI C . -3.05 8.04 0.19
H152 DSI C . -2.16 8.19 -1.32
H153 DSI C . -3.85 7.71 -1.36
C20 DSI C . 3.78 -3.77 0.04
C21 DSI C . 2.95 -4.93 -0.06
C22 DSI C . 3.49 -6.22 -0.20
C23 DSI C . 4.89 -6.38 -0.25
C25 DSI C . 5.17 -3.96 -0.03
C24 DSI C . 5.72 -5.26 -0.14
C18 DSI C . 1.60 -3.09 0.15
C19 DSI C . 2.92 -2.61 0.20
N17 DSI C . 1.65 -4.47 0.03
C16 DSI C . 0.32 -2.37 0.26
O16 DSI C . -0.71 -3.02 0.45
C6 DSI C . -3.00 0.67 1.28
C7 DSI C . -2.10 -0.39 1.10
O6 DSI C . -4.19 0.49 1.93
C8 DSI C . -0.89 -0.15 0.41
N12 DSI C . 0.19 -0.97 0.14
C11 DSI C . 1.29 -0.13 -0.41
C10 DSI C . 0.68 1.19 -0.89
C13 DSI C . 0.25 1.15 -2.36
C9 DSI C . -0.60 1.07 -0.13
C5 DSI C . -2.70 1.93 0.74
C4 DSI C . -1.48 2.13 0.04
C3 DSI C . -1.44 3.52 -0.40
C2 DSI C . -2.63 4.10 0.05
N1 DSI C . -3.36 3.14 0.73
C14 DSI C . -3.06 5.49 -0.14
O15 DSI C . -4.24 5.81 0.51
O14 DSI C . -2.46 6.33 -0.80
C15 DSI C . -4.56 7.18 0.63
H22 DSI C . 2.83 -7.08 -0.27
H23 DSI C . 5.31 -7.37 -0.35
H25 DSI C . 5.83 -3.11 0.02
H24 DSI C . 6.80 -5.39 -0.17
H19 DSI C . 3.22 -1.59 0.34
H17 DSI C . 0.81 -5.02 0.01
H7 DSI C . -2.32 -1.36 1.53
H6 DSI C . -4.76 1.27 1.91
H111 DSI C . 1.80 -0.61 -1.25
H112 DSI C . 1.98 0.12 0.39
H10 DSI C . 1.26 2.06 -0.62
H131 DSI C . -0.11 0.14 -2.55
H132 DSI C . -0.58 1.82 -2.51
H3 DSI C . -0.69 4.06 -0.96
H1 DSI C . -4.27 3.37 1.13
H151 DSI C . -3.79 7.71 1.18
H152 DSI C . -4.69 7.64 -0.35
H153 DSI C . -5.51 7.27 1.17
C20 DSI C . 3.68 -3.67 0.06
C21 DSI C . 2.88 -4.84 0.00
C22 DSI C . 3.44 -6.12 -0.06
C23 DSI C . 4.85 -6.26 -0.04
C25 DSI C . 5.08 -3.84 0.05
C24 DSI C . 5.66 -5.13 0.02
C18 DSI C . 1.49 -3.02 0.09
C19 DSI C . 2.80 -2.52 0.14
N17 DSI C . 1.57 -4.40 0.02
C16 DSI C . 0.18 -2.33 0.13
O16 DSI C . -0.83 -3.01 0.25
C6 DSI C . -3.26 0.53 1.12
C7 DSI C . -2.30 -0.48 0.95
O6 DSI C . -4.44 0.31 1.78
C8 DSI C . -1.10 -0.17 0.28
N12 DSI C . 0.02 -0.94 0.01
C11 DSI C . 1.09 -0.05 -0.50
C10 DSI C . 0.44 1.27 -0.96
C13 DSI C . 0.06 1.25 -2.44
C9 DSI C . -0.85 1.08 -0.24
C5 DSI C . -3.00 1.81 0.61
C4 DSI C . -1.78 2.08 -0.07
C3 DSI C . -1.83 3.49 -0.47
C2 DSI C . -3.07 3.98 -0.05
N1 DSI C . -3.76 2.97 0.59
C14 DSI C . -3.59 5.34 -0.21
O15 DSI C . -2.77 6.25 -0.86
O14 DSI C . -4.70 5.70 0.20
C15 DSI C . -3.19 7.60 -0.89
H22 DSI C . 2.81 -6.99 -0.11
H23 DSI C . 5.29 -7.24 -0.08
H25 DSI C . 5.72 -2.98 0.08
H24 DSI C . 6.73 -5.22 0.03
H19 DSI C . 3.06 -1.48 0.23
H17 DSI C . 0.73 -4.97 0.00
H7 DSI C . -2.48 -1.46 1.36
H6 DSI C . -4.52 -0.59 2.11
H111 DSI C . 1.64 -0.49 -1.33
H112 DSI C . 1.76 0.20 0.33
H10 DSI C . 0.99 2.14 -0.65
H131 DSI C . -0.28 0.25 -2.66
H132 DSI C . -0.77 1.92 -2.61
H3 DSI C . -1.09 4.08 -1.00
H1 DSI C . -4.68 3.10 0.97
H151 DSI C . -4.11 7.71 -1.45
H152 DSI C . -3.33 7.98 0.12
H153 DSI C . -2.42 8.21 -1.37
C20 DSI C . 3.84 -3.79 -0.06
C21 DSI C . 3.02 -4.94 -0.15
C22 DSI C . 3.55 -6.23 -0.27
C23 DSI C . 4.94 -6.40 -0.29
C25 DSI C . 5.24 -3.98 -0.11
C24 DSI C . 5.79 -5.28 -0.19
C18 DSI C . 1.67 -3.10 0.03
C19 DSI C . 2.98 -2.62 0.07
N17 DSI C . 1.71 -4.47 -0.08
C16 DSI C . 0.39 -2.38 0.15
O16 DSI C . -0.64 -3.04 0.32
C6 DSI C . -2.85 0.63 1.42
C7 DSI C . -1.97 -0.43 1.17
O6 DSI C . -3.97 0.48 2.20
C8 DSI C . -0.81 -0.17 0.41
N12 DSI C . 0.26 -0.99 0.07
C11 DSI C . 1.33 -0.13 -0.52
C10 DSI C . 0.70 1.19 -0.94
C13 DSI C . 0.23 1.19 -2.40
C9 DSI C . -0.54 1.07 -0.13
C5 DSI C . -2.58 1.90 0.88
C4 DSI C . -1.41 2.11 0.09
C3 DSI C . -1.42 3.50 -0.32
C2 DSI C . -2.58 4.07 0.21
N1 DSI C . -3.26 3.10 0.92
C14 DSI C . -3.02 5.46 0.06
O15 DSI C . -4.17 5.77 0.78
O14 DSI C . -2.47 6.32 -0.63
C15 DSI C . -4.49 7.14 0.94
H22 DSI C . 2.91 -7.09 -0.34
H23 DSI C . 5.37 -7.40 -0.36
H25 DSI C . 5.89 -3.12 -0.07
H24 DSI C . 6.86 -5.41 -0.20
H19 DSI C . 3.28 -1.61 0.20
H17 DSI C . 0.87 -5.03 -0.11
H7 DSI C . -2.15 -1.39 1.61
H6 DSI C . -4.05 -0.41 2.54
H111 DSI C . 1.82 -0.60 -1.37
H112 DSI C . 2.05 0.11 0.27
H10 DSI C . 1.30 2.06 -0.67
H131 DSI C . -0.16 0.20 -2.59
H132 DSI C . -0.60 1.88 -2.52
H3 DSI C . -0.71 4.07 -0.91
H1 DSI C . -4.14 3.29 1.39
H151 DSI C . -4.67 7.61 -0.02
H152 DSI C . -3.68 7.66 1.46
H153 DSI C . -5.40 7.21 1.54
C20 DSI C . 3.86 -3.70 0.07
C21 DSI C . 3.05 -4.87 -0.05
C22 DSI C . 3.61 -6.15 -0.21
C23 DSI C . 5.00 -6.29 -0.25
C25 DSI C . 5.26 -3.87 0.01
C24 DSI C . 5.82 -5.16 -0.13
C18 DSI C . 1.68 -3.05 0.15
C19 DSI C . 2.99 -2.55 0.22
N17 DSI C . 1.75 -4.42 0.03
C16 DSI C . 0.39 -2.34 0.25
O16 DSI C . -0.63 -3.01 0.42
C6 DSI C . -2.96 0.63 1.32
C7 DSI C . -2.04 -0.40 1.14
O6 DSI C . -4.11 0.47 2.04
C8 DSI C . -0.85 -0.15 0.41
N12 DSI C . 0.24 -0.95 0.13
C11 DSI C . 1.32 -0.09 -0.44
C10 DSI C . 0.68 1.22 -0.90
C13 DSI C . 0.27 1.20 -2.38
C9 DSI C . -0.59 1.08 -0.14
C5 DSI C . -2.69 1.90 0.77
C4 DSI C . -1.49 2.12 0.03
C3 DSI C . -1.51 3.51 -0.41
C2 DSI C . -2.70 4.05 0.05
N1 DSI C . -3.39 3.09 0.75
C14 DSI C . -3.18 5.42 -0.15
O15 DSI C . -4.36 5.72 0.51
O14 DSI C . -2.61 6.28 -0.84
C15 DSI C . -4.73 7.08 0.62
H22 DSI C . 2.96 -7.01 -0.29
H23 DSI C . 5.44 -7.27 -0.36
H25 DSI C . 5.91 -3.01 0.07
H24 DSI C . 6.90 -5.27 -0.15
H19 DSI C . 3.27 -1.53 0.38
H17 DSI C . 0.91 -4.98 -0.02
H7 DSI C . -2.23 -1.38 1.58
H6 DSI C . -4.19 -0.42 2.40
H111 DSI C . 1.83 -0.57 -1.28
H112 DSI C . 2.01 0.17 0.35
H10 DSI C . 1.27 2.08 -0.61
H131 DSI C . -0.09 0.20 -2.58
H132 DSI C . -0.58 1.87 -2.53
H3 DSI C . -0.78 4.06 -0.99
H1 DSI C . -4.30 3.26 1.17
H151 DSI C . -4.88 7.52 -0.37
H152 DSI C . -5.66 7.15 1.18
H153 DSI C . -3.96 7.64 1.16
C20 DSI C . 3.80 -3.69 0.00
C21 DSI C . 2.98 -4.85 -0.09
C22 DSI C . 3.52 -6.14 -0.24
C23 DSI C . 4.91 -6.30 -0.29
C25 DSI C . 5.19 -3.88 -0.06
C24 DSI C . 5.74 -5.17 -0.18
C18 DSI C . 1.62 -3.02 0.12
C19 DSI C . 2.93 -2.53 0.15
N17 DSI C . 1.67 -4.40 0.00
C16 DSI C . 0.34 -2.30 0.24
O16 DSI C . -0.69 -2.96 0.43
C6 DSI C . -2.92 0.72 1.43
C7 DSI C . -2.02 -0.33 1.20
O6 DSI C . -4.03 0.59 2.20
C8 DSI C . -0.86 -0.09 0.44
N12 DSI C . 0.21 -0.91 0.12
C11 DSI C . 1.28 -0.07 -0.49
C10 DSI C . 0.63 1.24 -0.95
C13 DSI C . 0.19 1.21 -2.42
C9 DSI C . -0.61 1.14 -0.15
C5 DSI C . -2.66 1.98 0.85
C4 DSI C . -1.49 2.17 0.05
C3 DSI C . -1.50 3.56 -0.40
C2 DSI C . -2.67 4.13 0.12
N1 DSI C . -3.34 3.19 0.86
C14 DSI C . -3.12 5.51 -0.07
O15 DSI C . -4.26 5.84 0.66
O14 DSI C . -2.60 6.35 -0.80
C15 DSI C . -4.61 7.21 0.77
H22 DSI C . 2.86 -7.00 -0.32
H23 DSI C . 5.34 -7.28 -0.40
H25 DSI C . 5.85 -3.03 -0.01
H24 DSI C . 6.82 -5.29 -0.22
H19 DSI C . 3.23 -1.51 0.30
H17 DSI C . 0.82 -4.94 -0.03
H7 DSI C . -2.20 -1.29 1.66
H6 DSI C . -4.12 -0.29 2.57
H111 DSI C . 1.76 -0.56 -1.33
H112 DSI C . 1.99 0.19 0.29
H10 DSI C . 1.24 2.12 -0.68
H131 DSI C . -0.18 0.22 -2.60
H132 DSI C . -0.65 1.90 -2.56
H3 DSI C . -0.80 4.11 -1.01
H1 DSI C . -4.22 3.38 1.32
H151 DSI C . -4.80 7.63 -0.21
H152 DSI C . -5.50 7.29 1.37
H153 DSI C . -3.80 7.76 1.26
C20 DSI C . 3.57 -3.76 0.07
C21 DSI C . 2.74 -4.92 -0.05
C22 DSI C . 3.27 -6.21 -0.15
C23 DSI C . 4.66 -6.38 -0.14
C25 DSI C . 4.96 -3.97 0.07
C24 DSI C . 5.51 -5.26 -0.02
C18 DSI C . 1.40 -3.06 0.10
C19 DSI C . 2.72 -2.60 0.20
N17 DSI C . 1.44 -4.44 0.00
C16 DSI C . 0.11 -2.33 0.16
O16 DSI C . -0.92 -2.99 0.31
C6 DSI C . -3.21 0.71 1.13
C7 DSI C . -2.30 -0.36 0.96
O6 DSI C . -4.41 0.53 1.75
C8 DSI C . -1.09 -0.12 0.29
N12 DSI C . -0.01 -0.96 0.04
C11 DSI C . 1.10 -0.10 -0.50
C10 DSI C . 0.51 1.21 -0.99
C13 DSI C . 0.13 1.20 -2.47
C9 DSI C . -0.78 1.11 -0.26
C5 DSI C . -2.88 1.97 0.60
C4 DSI C . -1.66 2.16 -0.10
C3 DSI C . -1.62 3.56 -0.53
C2 DSI C . -2.81 4.14 -0.10
N1 DSI C . -3.56 3.19 0.57
C14 DSI C . -3.23 5.52 -0.29
O15 DSI C . -4.42 5.85 0.35
O14 DSI C . -2.63 6.36 -0.95
C15 DSI C . -4.75 7.22 0.46
H22 DSI C . 2.62 -7.06 -0.24
H23 DSI C . 5.09 -7.37 -0.22
H25 DSI C . 5.63 -3.12 0.14
H24 DSI C . 6.58 -5.39 -0.02
H19 DSI C . 3.01 -1.58 0.34
H17 DSI C . 0.59 -4.99 -0.06
H7 DSI C . -2.53 -1.32 1.39
H6 DSI C . -4.99 1.30 1.70
H111 DSI C . 1.64 -0.59 -1.32
H112 DSI C . 1.78 0.14 0.32
H10 DSI C . 1.10 2.08 -0.68
H131 DSI C . -0.23 0.20 -2.69
H132 DSI C . -0.69 1.89 -2.64
H3 DSI C . -0.85 4.09 -1.08
H1 DSI C . -4.47 3.41 0.97
H151 DSI C . -3.97 7.75 1.02
H152 DSI C . -4.86 7.68 -0.52
H153 DSI C . -5.70 7.31 1.00
C20 DSI C . 3.79 -3.80 -0.04
C21 DSI C . 2.96 -4.96 -0.16
C22 DSI C . 3.49 -6.24 -0.34
C23 DSI C . 4.89 -6.40 -0.39
C25 DSI C . 5.18 -4.00 -0.11
C24 DSI C . 5.73 -5.28 -0.26
C18 DSI C . 1.61 -3.11 0.08
C19 DSI C . 2.93 -2.64 0.13
N17 DSI C . 1.65 -4.49 -0.06
C16 DSI C . 0.33 -2.40 0.22
O16 DSI C . -0.69 -3.06 0.40
C6 DSI C . -2.93 0.63 1.39
C7 DSI C . -2.05 -0.42 1.17
O6 DSI C . -4.07 0.50 2.13
C8 DSI C . -0.86 -0.19 0.43
N12 DSI C . 0.21 -1.01 0.12
C11 DSI C . 1.29 -0.15 -0.46
C10 DSI C . 0.67 1.17 -0.90
C13 DSI C . 0.21 1.16 -2.36
C9 DSI C . -0.58 1.05 -0.11
C5 DSI C . -2.64 1.90 0.85
C4 DSI C . -1.45 2.11 0.10
C3 DSI C . -1.43 3.50 -0.33
C2 DSI C . -2.60 4.08 0.18
N1 DSI C . -3.31 3.12 0.88
C14 DSI C . -3.03 5.46 0.01
O15 DSI C . -4.17 5.79 0.71
O14 DSI C . -2.45 6.30 -0.68
C15 DSI C . -4.49 7.17 0.85
H22 DSI C . 2.84 -7.10 -0.43
H23 DSI C . 5.31 -7.39 -0.51
H25 DSI C . 5.84 -3.15 -0.04
H24 DSI C . 6.80 -5.41 -0.30
H19 DSI C . 3.23 -1.63 0.30
H17 DSI C . 0.82 -5.04 -0.10
H7 DSI C . -2.25 -1.39 1.59
H6 DSI C . -4.17 -0.40 2.48
H111 DSI C . 1.78 -0.63 -1.31
H112 DSI C . 2.01 0.08 0.32
H10 DSI C . 1.27 2.03 -0.62
H131 DSI C . -0.18 0.17 -2.55
H132 DSI C . -0.61 1.86 -2.49
H3 DSI C . -0.70 4.04 -0.90
H1 DSI C . -4.20 3.31 1.32
H151 DSI C . -3.69 7.69 1.36
H152 DSI C . -4.65 7.63 -0.13
H153 DSI C . -5.41 7.26 1.43
C20 DSI C . 3.72 -3.70 0.03
C21 DSI C . 2.90 -4.87 -0.03
C22 DSI C . 3.43 -6.16 -0.13
C23 DSI C . 4.83 -6.32 -0.15
C25 DSI C . 5.12 -3.91 -0.02
C24 DSI C . 5.67 -5.20 -0.09
C18 DSI C . 1.54 -3.01 0.10
C19 DSI C . 2.87 -2.54 0.13
N17 DSI C . 1.60 -4.40 0.03
C16 DSI C . 0.26 -2.30 0.19
O16 DSI C . -0.76 -2.96 0.38
C6 DSI C . -3.03 0.72 1.30
C7 DSI C . -2.13 -0.34 1.09
O6 DSI C . -4.17 0.57 2.04
C8 DSI C . -0.95 -0.10 0.35
N12 DSI C . 0.13 -0.92 0.05
C11 DSI C . 1.20 -0.06 -0.52
C10 DSI C . 0.59 1.26 -0.98
C13 DSI C . 0.16 1.25 -2.46
C9 DSI C . -0.68 1.14 -0.20
C5 DSI C . -2.75 1.99 0.74
C4 DSI C . -1.57 2.18 -0.01
C3 DSI C . -1.56 3.57 -0.46
C2 DSI C . -2.74 4.14 0.03
N1 DSI C . -3.43 3.18 0.75
C14 DSI C . -3.19 5.52 -0.15
O15 DSI C . -4.35 5.83 0.54
O14 DSI C . -2.63 6.36 -0.85
C15 DSI C . -4.68 7.21 0.67
H22 DSI C . 2.78 -7.02 -0.18
H23 DSI C . 5.25 -7.31 -0.21
H25 DSI C . 5.78 -3.05 -0.01
H24 DSI C . 6.74 -5.33 -0.11
H19 DSI C . 3.16 -1.51 0.23
H17 DSI C . 0.75 -4.96 0.01
H7 DSI C . -2.32 -1.30 1.53
H6 DSI C . -4.27 -0.32 2.39
H111 DSI C . 1.71 -0.54 -1.36
H112 DSI C . 1.91 0.19 0.26
H10 DSI C . 1.17 2.12 -0.70
H131 DSI C . -0.21 0.25 -2.66
H132 DSI C . -0.66 1.94 -2.60
H3 DSI C . -0.84 4.12 -1.04
H1 DSI C . -4.33 3.37 1.19
H151 DSI C . -3.90 7.73 1.19
H152 DSI C . -5.61 7.29 1.24
H153 DSI C . -4.85 7.65 -0.31
C20 DSI C . 3.89 -3.69 -0.06
C21 DSI C . 3.10 -4.88 -0.19
C22 DSI C . 3.69 -6.14 -0.34
C23 DSI C . 5.08 -6.26 -0.34
C25 DSI C . 5.29 -3.85 -0.08
C24 DSI C . 5.88 -5.11 -0.21
C18 DSI C . 1.69 -3.08 0.00
C19 DSI C . 2.99 -2.56 0.09
N17 DSI C . 1.79 -4.46 -0.14
C16 DSI C . 0.38 -2.41 0.09
O16 DSI C . -0.62 -3.10 0.21
C6 DSI C . -3.04 0.42 1.29
C7 DSI C . -2.07 -0.58 1.08
O6 DSI C . -4.18 0.19 1.99
C8 DSI C . -0.90 -0.25 0.37
N12 DSI C . 0.21 -1.02 0.06
C11 DSI C . 1.26 -0.10 -0.49
C10 DSI C . 0.58 1.20 -0.90
C13 DSI C . 0.15 1.21 -2.38
C9 DSI C . -0.68 1.01 -0.15
C5 DSI C . -2.81 1.70 0.78
C4 DSI C . -1.61 2.00 0.07
C3 DSI C . -1.68 3.41 -0.33
C2 DSI C . -2.91 3.89 0.14
N1 DSI C . -3.58 2.86 0.79
C14 DSI C . -3.45 5.24 0.00
O15 DSI C . -2.64 6.16 -0.67
O14 DSI C . -4.54 5.59 0.44
C15 DSI C . -3.08 7.50 -0.72
H22 DSI C . 3.07 -7.02 -0.45
H23 DSI C . 5.55 -7.23 -0.44
H25 DSI C . 5.92 -2.97 0.01
H24 DSI C . 6.96 -5.21 -0.21
H19 DSI C . 3.24 -1.53 0.25
H17 DSI C . 0.97 -5.04 -0.20
H7 DSI C . -2.23 -1.57 1.49
H6 DSI C . -4.24 -0.72 2.33
H111 DSI C . 1.78 -0.54 -1.34
H112 DSI C . 1.96 0.14 0.31
H10 DSI C . 1.15 2.08 -0.60
H131 DSI C . -0.22 0.21 -2.58
H132 DSI C . -0.69 1.89 -2.51
H3 DSI C . -0.96 4.01 -0.86
H1 DSI C . -4.49 2.98 1.19
H151 DSI C . -2.32 8.11 -1.19
H152 DSI C . -4.00 7.58 -1.29
H153 DSI C . -3.25 7.89 0.30
C20 DSI C . 3.56 -3.78 0.06
C21 DSI C . 2.72 -4.92 -0.05
C22 DSI C . 3.25 -6.22 -0.14
C23 DSI C . 4.64 -6.41 -0.08
C25 DSI C . 4.96 -4.00 0.08
C24 DSI C . 5.49 -5.29 0.03
C18 DSI C . 1.39 -3.05 0.07
C19 DSI C . 2.72 -2.59 0.15
N17 DSI C . 1.43 -4.43 -0.03
C16 DSI C . 0.11 -2.32 0.11
O16 DSI C . -0.93 -2.96 0.24
C6 DSI C . -3.15 0.75 1.17
C7 DSI C . -2.26 -0.32 0.97
O6 DSI C . -4.31 0.62 1.87
C8 DSI C . -1.06 -0.10 0.27
N12 DSI C . 0.01 -0.93 0.00
C11 DSI C . 1.12 -0.08 -0.53
C10 DSI C . 0.53 1.24 -1.00
C13 DSI C . 0.14 1.23 -2.49
C9 DSI C . -0.75 1.14 -0.26
C5 DSI C . -2.83 2.02 0.64
C4 DSI C . -1.62 2.20 -0.08
C3 DSI C . -1.58 3.60 -0.50
C2 DSI C . -2.76 4.18 -0.04
N1 DSI C . -3.49 3.23 0.65
C14 DSI C . -3.17 5.57 -0.22
O15 DSI C . -4.34 5.90 0.44
O14 DSI C . -2.56 6.42 -0.89
C15 DSI C . -4.66 7.27 0.56
H22 DSI C . 2.58 -7.07 -0.22
H23 DSI C . 5.05 -7.41 -0.13
H25 DSI C . 5.63 -3.15 0.15
H24 DSI C . 6.56 -5.44 0.08
H19 DSI C . 3.02 -1.57 0.28
H17 DSI C . 0.58 -4.97 -0.09
H7 DSI C . -2.49 -1.29 1.39
H6 DSI C . -4.44 -0.29 2.20
H111 DSI C . 1.66 -0.57 -1.35
H112 DSI C . 1.81 0.15 0.28
H10 DSI C . 1.13 2.10 -0.71
H131 DSI C . -0.23 0.24 -2.70
H132 DSI C . -0.68 1.94 -2.64
H3 DSI C . -0.82 4.13 -1.06
H1 DSI C . -4.39 3.44 1.06
H151 DSI C . -5.60 7.37 1.11
H152 DSI C . -3.88 7.80 1.11
H153 DSI C . -4.78 7.73 -0.42
C20 DSI C . 3.89 -3.74 -0.01
C21 DSI C . 3.08 -4.91 -0.15
C22 DSI C . 3.64 -6.19 -0.29
C23 DSI C . 5.03 -6.33 -0.28
C25 DSI C . 5.29 -3.93 -0.03
C24 DSI C . 5.85 -5.21 -0.14
C18 DSI C . 1.71 -3.09 0.03
C19 DSI C . 3.01 -2.60 0.12
N17 DSI C . 1.77 -4.47 -0.10
C16 DSI C . 0.41 -2.38 0.12
O16 DSI C . -0.61 -3.06 0.26
C6 DSI C . -2.91 0.58 1.30
C7 DSI C . -1.99 -0.46 1.08
O6 DSI C . -4.05 0.40 2.04
C8 DSI C . -0.81 -0.19 0.35
N12 DSI C . 0.27 -1.00 0.04
C11 DSI C . 1.34 -0.13 -0.53
C10 DSI C . 0.71 1.20 -0.95
C13 DSI C . 0.27 1.21 -2.43
C9 DSI C . -0.55 1.06 -0.18
C5 DSI C . -2.64 1.85 0.77
C4 DSI C . -1.44 2.09 0.04
C3 DSI C . -1.45 3.49 -0.36
C2 DSI C . -2.63 4.04 0.15
N1 DSI C . -3.33 3.05 0.83
C14 DSI C . -3.07 5.42 0.01
O15 DSI C . -4.23 5.71 0.71
O14 DSI C . -2.51 6.29 -0.65
C15 DSI C . -4.59 7.08 0.86
H22 DSI C . 3.00 -7.05 -0.40
H23 DSI C . 5.48 -7.32 -0.38
H25 DSI C . 5.94 -3.06 0.05
H24 DSI C . 6.93 -5.32 -0.14
H19 DSI C . 3.29 -1.57 0.29
H17 DSI C . 0.94 -5.02 -0.17
H7 DSI C . -2.18 -1.44 1.50
H6 DSI C . -4.13 -0.50 2.37
H111 DSI C . 1.83 -0.59 -1.38
H112 DSI C . 2.05 0.11 0.26
H10 DSI C . 1.29 2.06 -0.65
H131 DSI C . -0.11 0.22 -2.64
H132 DSI C . -0.57 1.90 -2.53
H3 DSI C . -0.72 4.05 -0.93
H1 DSI C . -4.22 3.23 1.27
H151 DSI C . -3.80 7.62 1.39
H152 DSI C . -4.76 7.54 -0.12
H153 DSI C . -5.51 7.14 1.43
C20 DSI C . 3.67 -3.77 0.02
C21 DSI C . 2.85 -4.93 -0.09
C22 DSI C . 3.38 -6.22 -0.15
C23 DSI C . 4.78 -6.39 -0.08
C25 DSI C . 5.07 -3.97 0.05
C24 DSI C . 5.61 -5.27 0.02
C18 DSI C . 1.50 -3.07 0.00
C19 DSI C . 2.82 -2.60 0.10
N17 DSI C . 1.55 -4.46 -0.08
C16 DSI C . 0.22 -2.36 0.06
O16 DSI C . -0.82 -3.01 0.18
C6 DSI C . -3.08 0.66 1.18
C7 DSI C . -2.19 -0.40 0.96
O6 DSI C . -4.24 0.49 1.89
C8 DSI C . -1.00 -0.14 0.25
N12 DSI C . 0.09 -0.97 -0.04
C11 DSI C . 1.18 -0.11 -0.57
C10 DSI C . 0.57 1.22 -1.02
C13 DSI C . 0.16 1.23 -2.50
C9 DSI C . -0.70 1.10 -0.27
C5 DSI C . -2.79 1.93 0.67
C4 DSI C . -1.58 2.15 -0.06
C3 DSI C . -1.56 3.55 -0.46
C2 DSI C . -2.74 4.11 0.03
N1 DSI C . -3.46 3.14 0.69
C14 DSI C . -3.17 5.50 -0.13
O15 DSI C . -4.35 5.80 0.55
O14 DSI C . -2.60 6.36 -0.79
C15 DSI C . -4.68 7.17 0.70
H22 DSI C . 2.73 -7.08 -0.23
H23 DSI C . 5.21 -7.39 -0.12
H25 DSI C . 5.73 -3.12 0.11
H24 DSI C . 6.69 -5.40 0.06
H19 DSI C . 3.11 -1.57 0.21
H17 DSI C . 0.70 -5.00 -0.12
H7 DSI C . -2.39 -1.38 1.37
H6 DSI C . -4.35 -0.40 2.21
H111 DSI C . 1.71 -0.57 -1.41
H112 DSI C . 1.87 0.13 0.23
H10 DSI C . 1.16 2.09 -0.72
H131 DSI C . -0.21 0.24 -2.71
H132 DSI C . -0.67 1.94 -2.63
H3 DSI C . -0.82 4.10 -1.01
H1 DSI C . -4.36 3.33 1.12
H151 DSI C . -5.62 7.23 1.27
H152 DSI C . -3.90 7.67 1.27
H153 DSI C . -4.81 7.65 -0.26
C20 DSI C . 3.73 -3.76 0.01
C21 DSI C . 2.91 -4.91 -0.08
C22 DSI C . 3.44 -6.21 -0.18
C23 DSI C . 4.84 -6.38 -0.17
C25 DSI C . 5.13 -3.96 -0.01
C24 DSI C . 5.68 -5.25 -0.08
C18 DSI C . 1.56 -3.06 0.06
C19 DSI C . 2.88 -2.59 0.12
N17 DSI C . 1.60 -4.44 -0.04
C16 DSI C . 0.27 -2.35 0.15
O16 DSI C . -0.75 -3.00 0.31
C6 DSI C . -3.00 0.69 1.27
C7 DSI C . -2.11 -0.38 1.06
O6 DSI C . -4.14 0.54 2.01
C8 DSI C . -0.92 -0.13 0.33
N12 DSI C . 0.15 -0.96 0.03
C11 DSI C . 1.23 -0.11 -0.54
C10 DSI C . 0.62 1.22 -0.99
C13 DSI C . 0.20 1.21 -2.47
C9 DSI C . -0.64 1.10 -0.22
C5 DSI C . -2.72 1.95 0.72
C4 DSI C . -1.52 2.15 -0.03
C3 DSI C . -1.51 3.54 -0.46
C2 DSI C . -2.67 4.12 0.04
N1 DSI C . -3.39 3.16 0.74
C14 DSI C . -3.11 5.50 -0.13
O15 DSI C . -4.26 5.82 0.58
O14 DSI C . -2.55 6.35 -0.82
C15 DSI C . -4.58 7.20 0.73
H22 DSI C . 2.79 -7.07 -0.25
H23 DSI C . 5.26 -7.37 -0.24
H25 DSI C . 5.79 -3.11 0.04
H24 DSI C . 6.75 -5.39 -0.08
H19 DSI C . 3.17 -1.57 0.26
H17 DSI C . 0.76 -5.00 -0.08
H7 DSI C . -2.31 -1.34 1.49
H6 DSI C . -4.25 -0.34 2.35
H111 DSI C . 1.74 -0.59 -1.37
H112 DSI C . 1.94 0.14 0.25
H10 DSI C . 1.21 2.07 -0.71
H131 DSI C . -0.17 0.22 -2.68
H132 DSI C . -0.64 1.91 -2.61
H3 DSI C . -0.78 4.09 -1.03
H1 DSI C . -4.27 3.36 1.19
H151 DSI C . -4.74 7.67 -0.24
H152 DSI C . -5.50 7.29 1.31
H153 DSI C . -3.77 7.71 1.26
#